data_3JWH
#
_entry.id   3JWH
#
_cell.length_a   56.519
_cell.length_b   49.772
_cell.length_c   90.433
_cell.angle_alpha   90.000
_cell.angle_beta   101.360
_cell.angle_gamma   90.000
#
_symmetry.space_group_name_H-M   'P 1 21 1'
#
loop_
_entity.id
_entity.type
_entity.pdbx_description
1 polymer Hen1
2 non-polymer S-ADENOSYL-L-HOMOCYSTEINE
3 water water
#
_entity_poly.entity_id   1
_entity_poly.type   'polypeptide(L)'
_entity_poly.pdbx_seq_one_letter_code
;MEEEAAVEKPISLNQQRMNGVVAALKQSNARRVIDLGCGQGNLLKILLKDSFFEQITGVDVSYRSLEIAQERLDRLRLPR
NQWERLQLIQGALTYQDKRFHGYDAATVIEVIEHLDLSRLGAFERVLFEFAQPKIVIVTTPNIEYNVKFANLPAGKLRHK
DHRFEWTRSQFQNWANKITERFAYNVQFQPIGEADPEVGSPTQMAVFIHRGHHHHHH
;
_entity_poly.pdbx_strand_id   A,B
#
# COMPACT_ATOMS: atom_id res chain seq x y z
N ILE A 11 6.89 30.98 -14.10
CA ILE A 11 6.48 29.59 -13.74
C ILE A 11 7.47 28.59 -14.31
N SER A 12 8.72 28.69 -13.88
CA SER A 12 9.78 27.78 -14.31
C SER A 12 9.58 26.39 -13.68
N LEU A 13 10.38 25.41 -14.09
CA LEU A 13 10.26 24.06 -13.56
C LEU A 13 10.61 24.02 -12.08
N ASN A 14 11.73 24.63 -11.72
CA ASN A 14 12.18 24.68 -10.33
C ASN A 14 11.16 25.37 -9.46
N GLN A 15 10.63 26.48 -9.96
CA GLN A 15 9.62 27.22 -9.22
C GLN A 15 8.38 26.35 -9.09
N GLN A 16 8.16 25.48 -10.05
CA GLN A 16 7.01 24.60 -9.96
C GLN A 16 7.23 23.58 -8.87
N ARG A 17 8.46 23.11 -8.76
CA ARG A 17 8.80 22.13 -7.74
C ARG A 17 8.63 22.75 -6.37
N MET A 18 9.25 23.89 -6.16
CA MET A 18 9.15 24.55 -4.87
C MET A 18 7.71 24.82 -4.45
N ASN A 19 6.89 25.33 -5.37
CA ASN A 19 5.49 25.59 -5.06
C ASN A 19 4.80 24.29 -4.67
N GLY A 20 5.15 23.23 -5.39
CA GLY A 20 4.55 21.94 -5.10
C GLY A 20 4.92 21.43 -3.71
N VAL A 21 6.15 21.67 -3.30
CA VAL A 21 6.62 21.22 -1.99
C VAL A 21 6.00 22.07 -0.88
N VAL A 22 6.04 23.40 -1.05
CA VAL A 22 5.46 24.29 -0.05
C VAL A 22 3.99 23.98 0.14
N ALA A 23 3.31 23.73 -0.97
CA ALA A 23 1.88 23.41 -0.95
C ALA A 23 1.63 22.12 -0.16
N ALA A 24 2.45 21.11 -0.38
CA ALA A 24 2.26 19.86 0.36
C ALA A 24 2.51 20.05 1.86
N LEU A 25 3.54 20.82 2.21
CA LEU A 25 3.86 21.08 3.60
C LEU A 25 2.68 21.73 4.30
N LYS A 26 2.13 22.75 3.66
CA LYS A 26 1.01 23.49 4.23
C LYS A 26 -0.24 22.66 4.45
N GLN A 27 -0.59 21.80 3.50
CA GLN A 27 -1.77 20.94 3.65
C GLN A 27 -1.64 19.97 4.84
N SER A 28 -0.41 19.61 5.18
CA SER A 28 -0.13 18.72 6.30
C SER A 28 0.11 19.56 7.55
N ASN A 29 0.04 20.88 7.39
CA ASN A 29 0.27 21.80 8.52
C ASN A 29 1.63 21.49 9.18
N ALA A 30 2.65 21.33 8.33
CA ALA A 30 4.01 21.05 8.77
C ALA A 30 4.73 22.36 8.97
N ARG A 31 4.78 22.84 10.20
CA ARG A 31 5.42 24.13 10.50
C ARG A 31 6.93 24.03 10.71
N ARG A 32 7.38 22.92 11.30
CA ARG A 32 8.79 22.70 11.60
C ARG A 32 9.36 21.80 10.53
N VAL A 33 10.22 22.34 9.68
CA VAL A 33 10.76 21.55 8.59
C VAL A 33 12.26 21.42 8.51
N ILE A 34 12.71 20.22 8.14
CA ILE A 34 14.11 19.98 7.96
C ILE A 34 14.35 19.54 6.53
N ASP A 35 15.19 20.27 5.81
CA ASP A 35 15.51 19.96 4.43
C ASP A 35 16.83 19.17 4.30
N LEU A 36 16.72 17.88 4.01
CA LEU A 36 17.89 17.02 3.90
C LEU A 36 18.51 17.08 2.50
N GLY A 37 19.75 17.54 2.43
CA GLY A 37 20.44 17.69 1.16
C GLY A 37 19.92 19.02 0.62
N CYS A 38 19.96 20.03 1.48
CA CYS A 38 19.46 21.36 1.14
C CYS A 38 20.19 22.12 0.04
N GLY A 39 21.41 21.72 -0.29
CA GLY A 39 22.14 22.42 -1.32
C GLY A 39 22.29 23.91 -1.05
N GLN A 40 22.12 24.71 -2.09
CA GLN A 40 22.27 26.16 -1.97
C GLN A 40 21.15 26.87 -1.20
N GLY A 41 20.15 26.14 -0.75
CA GLY A 41 19.08 26.75 0.01
C GLY A 41 17.92 27.35 -0.75
N ASN A 42 17.65 26.86 -1.95
CA ASN A 42 16.55 27.39 -2.74
C ASN A 42 15.25 27.26 -1.97
N LEU A 43 14.94 26.05 -1.51
CA LEU A 43 13.73 25.84 -0.73
C LEU A 43 13.85 26.54 0.63
N LEU A 44 15.06 26.54 1.22
CA LEU A 44 15.23 27.18 2.53
C LEU A 44 14.91 28.70 2.45
N LYS A 45 15.26 29.34 1.33
CA LYS A 45 14.98 30.76 1.16
C LYS A 45 13.48 31.03 1.18
N ILE A 46 12.73 30.20 0.47
CA ILE A 46 11.28 30.32 0.40
C ILE A 46 10.58 30.07 1.75
N LEU A 47 11.07 29.09 2.52
CA LEU A 47 10.46 28.80 3.82
C LEU A 47 10.74 29.88 4.87
N LEU A 48 11.97 30.38 4.90
CA LEU A 48 12.38 31.39 5.87
C LEU A 48 11.59 32.69 5.67
N LYS A 49 11.34 33.04 4.42
CA LYS A 49 10.59 34.25 4.08
C LYS A 49 9.14 34.14 4.47
N ASP A 50 8.62 32.91 4.48
CA ASP A 50 7.22 32.66 4.80
C ASP A 50 7.00 32.37 6.27
N SER A 51 6.39 33.33 6.98
CA SER A 51 6.14 33.20 8.41
C SER A 51 5.24 32.03 8.86
N PHE A 52 4.71 31.28 7.90
CA PHE A 52 3.85 30.13 8.23
C PHE A 52 4.70 29.08 8.95
N PHE A 53 5.93 28.96 8.48
CA PHE A 53 6.92 28.01 9.00
C PHE A 53 7.53 28.53 10.29
N GLU A 54 7.57 27.68 11.31
CA GLU A 54 8.08 28.04 12.62
C GLU A 54 9.52 27.62 12.87
N GLN A 55 10.05 26.81 11.98
CA GLN A 55 11.43 26.39 12.08
C GLN A 55 11.88 25.79 10.77
N ILE A 56 13.02 26.28 10.29
CA ILE A 56 13.61 25.83 9.04
C ILE A 56 15.03 25.34 9.29
N THR A 57 15.30 24.07 9.01
CA THR A 57 16.65 23.56 9.17
C THR A 57 17.09 22.90 7.87
N GLY A 58 18.27 23.28 7.39
CA GLY A 58 18.82 22.70 6.17
C GLY A 58 20.07 21.90 6.48
N VAL A 59 20.16 20.69 5.92
CA VAL A 59 21.29 19.81 6.15
C VAL A 59 21.98 19.43 4.84
N ASP A 60 23.32 19.49 4.79
CA ASP A 60 24.05 19.09 3.60
C ASP A 60 25.47 18.66 3.97
N VAL A 61 26.03 17.70 3.23
CA VAL A 61 27.38 17.25 3.52
C VAL A 61 28.42 18.22 2.95
N SER A 62 28.00 19.03 1.98
CA SER A 62 28.91 19.98 1.36
C SER A 62 29.03 21.35 2.05
N TYR A 63 30.26 21.70 2.43
CA TYR A 63 30.55 22.97 3.08
C TYR A 63 30.37 24.10 2.08
N ARG A 64 30.81 23.87 0.86
CA ARG A 64 30.69 24.88 -0.19
C ARG A 64 29.23 25.29 -0.37
N SER A 65 28.37 24.30 -0.51
CA SER A 65 26.94 24.55 -0.69
C SER A 65 26.30 25.25 0.50
N LEU A 66 26.68 24.86 1.71
CA LEU A 66 26.12 25.49 2.90
C LEU A 66 26.56 26.95 3.02
N GLU A 67 27.79 27.26 2.63
CA GLU A 67 28.26 28.65 2.73
C GLU A 67 27.45 29.49 1.74
N ILE A 68 27.23 28.95 0.55
CA ILE A 68 26.46 29.66 -0.45
C ILE A 68 25.03 29.86 0.06
N ALA A 69 24.43 28.81 0.64
CA ALA A 69 23.08 28.91 1.16
C ALA A 69 22.97 30.08 2.15
N GLN A 70 23.90 30.14 3.09
CA GLN A 70 23.92 31.19 4.10
C GLN A 70 24.04 32.55 3.41
N GLU A 71 24.81 32.58 2.34
CA GLU A 71 25.03 33.80 1.57
C GLU A 71 23.76 34.38 0.98
N ARG A 72 23.02 33.60 0.19
CA ARG A 72 21.80 34.13 -0.39
C ARG A 72 20.69 34.30 0.64
N LEU A 73 20.69 33.46 1.67
CA LEU A 73 19.66 33.57 2.70
C LEU A 73 19.84 34.91 3.37
N ASP A 74 21.06 35.45 3.32
CA ASP A 74 21.33 36.73 3.94
C ASP A 74 20.91 37.90 3.09
N ARG A 75 20.50 37.63 1.85
CA ARG A 75 20.04 38.69 0.97
C ARG A 75 18.60 39.05 1.35
N LEU A 76 18.05 38.32 2.31
CA LEU A 76 16.69 38.56 2.78
C LEU A 76 16.65 39.63 3.86
N ARG A 77 15.52 40.31 3.94
CA ARG A 77 15.30 41.34 4.95
C ARG A 77 14.15 40.77 5.74
N LEU A 78 14.36 40.57 7.04
CA LEU A 78 13.32 39.97 7.85
C LEU A 78 13.28 40.49 9.27
N PRO A 79 12.16 40.29 9.96
CA PRO A 79 12.05 40.76 11.35
C PRO A 79 13.06 39.93 12.16
N ARG A 80 13.51 40.47 13.29
CA ARG A 80 14.47 39.76 14.14
C ARG A 80 14.05 38.35 14.53
N ASN A 81 12.90 38.21 15.16
CA ASN A 81 12.42 36.89 15.57
C ASN A 81 12.40 35.88 14.43
N GLN A 82 12.30 36.37 13.20
CA GLN A 82 12.23 35.51 12.03
C GLN A 82 13.54 34.81 11.67
N TRP A 83 14.66 35.45 11.99
CA TRP A 83 15.94 34.84 11.68
C TRP A 83 16.28 33.65 12.58
N GLU A 84 15.80 33.68 13.82
CA GLU A 84 16.06 32.59 14.77
C GLU A 84 15.43 31.25 14.39
N ARG A 85 14.62 31.24 13.34
CA ARG A 85 13.95 30.03 12.87
C ARG A 85 14.89 29.16 12.03
N LEU A 86 15.91 29.80 11.43
CA LEU A 86 16.87 29.13 10.58
C LEU A 86 18.05 28.44 11.27
N GLN A 87 18.50 27.34 10.69
CA GLN A 87 19.61 26.58 11.22
C GLN A 87 20.24 25.81 10.06
N LEU A 88 21.55 25.90 9.92
CA LEU A 88 22.32 25.23 8.88
C LEU A 88 23.26 24.20 9.53
N ILE A 89 23.21 22.97 9.04
CA ILE A 89 24.02 21.91 9.60
C ILE A 89 24.80 21.11 8.55
N GLN A 90 26.10 20.92 8.77
CA GLN A 90 26.89 20.12 7.85
C GLN A 90 26.80 18.68 8.40
N GLY A 91 26.55 17.74 7.50
CA GLY A 91 26.46 16.35 7.91
C GLY A 91 25.98 15.46 6.77
N ALA A 92 26.35 14.19 6.84
CA ALA A 92 25.95 13.22 5.83
C ALA A 92 24.53 12.73 6.17
N LEU A 93 23.76 12.38 5.15
CA LEU A 93 22.38 11.95 5.34
C LEU A 93 22.26 10.51 5.79
N THR A 94 23.36 9.78 5.68
CA THR A 94 23.36 8.38 6.04
C THR A 94 23.70 8.12 7.50
N TYR A 95 23.92 9.19 8.26
CA TYR A 95 24.26 9.03 9.67
C TYR A 95 23.12 9.47 10.59
N GLN A 96 22.87 8.67 11.63
CA GLN A 96 21.81 8.97 12.58
C GLN A 96 22.16 10.12 13.48
N ASP A 97 21.81 11.32 13.04
CA ASP A 97 22.08 12.55 13.78
C ASP A 97 20.90 12.88 14.69
N LYS A 98 21.17 13.06 15.97
CA LYS A 98 20.12 13.36 16.94
C LYS A 98 19.45 14.70 16.64
N ARG A 99 20.09 15.52 15.83
CA ARG A 99 19.51 16.82 15.45
C ARG A 99 18.42 16.69 14.37
N PHE A 100 18.20 15.47 13.89
CA PHE A 100 17.19 15.21 12.87
C PHE A 100 15.82 14.89 13.50
N HIS A 101 15.74 14.86 14.82
CA HIS A 101 14.49 14.54 15.53
C HIS A 101 13.56 15.72 15.79
N GLY A 102 12.30 15.37 16.06
CA GLY A 102 11.31 16.36 16.41
C GLY A 102 10.68 17.27 15.39
N TYR A 103 10.94 17.07 14.10
CA TYR A 103 10.36 17.93 13.05
C TYR A 103 9.01 17.42 12.54
N ASP A 104 8.19 18.33 12.05
CA ASP A 104 6.91 17.94 11.50
C ASP A 104 7.10 17.24 10.16
N ALA A 105 8.07 17.72 9.39
CA ALA A 105 8.33 17.16 8.07
C ALA A 105 9.79 17.26 7.65
N ALA A 106 10.18 16.33 6.79
CA ALA A 106 11.51 16.29 6.23
C ALA A 106 11.29 16.38 4.70
N THR A 107 12.08 17.19 4.02
CA THR A 107 11.95 17.26 2.56
C THR A 107 13.24 16.75 1.97
N VAL A 108 13.14 15.95 0.93
CA VAL A 108 14.31 15.38 0.27
C VAL A 108 14.05 15.74 -1.21
N ILE A 109 14.53 16.90 -1.62
CA ILE A 109 14.31 17.42 -2.97
C ILE A 109 15.44 17.20 -3.94
N GLU A 110 15.17 16.40 -4.97
CA GLU A 110 16.17 16.10 -5.98
C GLU A 110 17.45 15.61 -5.31
N VAL A 111 17.30 14.66 -4.40
CA VAL A 111 18.42 14.09 -3.68
C VAL A 111 18.66 12.62 -3.96
N ILE A 112 17.60 11.81 -3.94
CA ILE A 112 17.74 10.36 -4.14
C ILE A 112 18.51 9.88 -5.36
N GLU A 113 18.37 10.57 -6.48
CA GLU A 113 19.06 10.19 -7.70
C GLU A 113 20.59 10.19 -7.54
N HIS A 114 21.11 11.04 -6.66
CA HIS A 114 22.55 11.13 -6.45
C HIS A 114 23.07 10.21 -5.34
N LEU A 115 22.31 9.20 -4.97
CA LEU A 115 22.75 8.28 -3.92
C LEU A 115 22.95 6.90 -4.52
N ASP A 116 24.05 6.24 -4.19
CA ASP A 116 24.28 4.90 -4.70
C ASP A 116 23.68 3.89 -3.73
N LEU A 117 23.76 2.61 -4.06
CA LEU A 117 23.20 1.57 -3.20
C LEU A 117 23.73 1.58 -1.77
N SER A 118 25.04 1.73 -1.61
CA SER A 118 25.66 1.73 -0.28
C SER A 118 25.38 2.99 0.54
N ARG A 119 24.43 3.82 0.08
CA ARG A 119 24.05 5.05 0.77
C ARG A 119 22.54 5.26 0.81
N LEU A 120 21.84 4.73 -0.19
CA LEU A 120 20.40 4.88 -0.25
C LEU A 120 19.73 4.12 0.90
N GLY A 121 20.09 2.86 1.05
CA GLY A 121 19.52 2.05 2.12
C GLY A 121 19.74 2.66 3.49
N ALA A 122 20.93 3.18 3.74
CA ALA A 122 21.23 3.78 5.04
C ALA A 122 20.40 5.06 5.23
N PHE A 123 20.29 5.84 4.17
CA PHE A 123 19.51 7.08 4.26
C PHE A 123 18.05 6.75 4.56
N GLU A 124 17.55 5.68 3.97
CA GLU A 124 16.16 5.27 4.19
C GLU A 124 15.86 5.01 5.65
N ARG A 125 16.77 4.32 6.35
CA ARG A 125 16.57 4.04 7.76
C ARG A 125 16.70 5.32 8.56
N VAL A 126 17.75 6.09 8.29
CA VAL A 126 17.94 7.34 8.97
C VAL A 126 16.65 8.18 8.91
N LEU A 127 16.06 8.22 7.72
CA LEU A 127 14.85 9.01 7.51
C LEU A 127 13.52 8.41 7.96
N PHE A 128 13.23 7.18 7.52
CA PHE A 128 11.96 6.57 7.87
C PHE A 128 11.90 5.76 9.16
N GLU A 129 13.04 5.58 9.81
CA GLU A 129 13.11 4.79 11.05
C GLU A 129 13.62 5.65 12.19
N PHE A 130 14.83 6.19 12.02
CA PHE A 130 15.45 7.04 13.03
C PHE A 130 14.67 8.34 13.28
N ALA A 131 14.71 9.28 12.33
CA ALA A 131 14.00 10.55 12.50
C ALA A 131 12.49 10.30 12.60
N GLN A 132 11.98 9.57 11.62
CA GLN A 132 10.58 9.21 11.55
C GLN A 132 9.62 10.39 11.70
N PRO A 133 9.78 11.44 10.87
CA PRO A 133 8.85 12.55 11.03
C PRO A 133 7.43 12.16 10.54
N LYS A 134 6.44 12.96 10.91
CA LYS A 134 5.07 12.69 10.49
C LYS A 134 4.95 12.76 8.96
N ILE A 135 5.61 13.73 8.37
CA ILE A 135 5.56 13.94 6.91
C ILE A 135 6.92 13.88 6.27
N VAL A 136 7.00 13.25 5.09
CA VAL A 136 8.23 13.20 4.31
C VAL A 136 7.92 13.50 2.83
N ILE A 137 8.51 14.54 2.28
CA ILE A 137 8.29 14.86 0.88
C ILE A 137 9.55 14.61 0.08
N VAL A 138 9.44 13.75 -0.93
CA VAL A 138 10.54 13.37 -1.81
C VAL A 138 10.21 13.65 -3.29
N THR A 139 11.09 14.36 -4.00
CA THR A 139 10.84 14.60 -5.42
C THR A 139 12.05 14.15 -6.18
N THR A 140 11.84 13.63 -7.39
CA THR A 140 12.94 13.18 -8.21
C THR A 140 12.57 13.41 -9.67
N PRO A 141 13.56 13.54 -10.56
CA PRO A 141 13.23 13.76 -11.97
C PRO A 141 12.66 12.52 -12.66
N ASN A 142 11.65 12.73 -13.50
CA ASN A 142 11.01 11.67 -14.30
C ASN A 142 11.84 11.50 -15.56
N ILE A 143 12.75 10.53 -15.56
CA ILE A 143 13.63 10.30 -16.72
C ILE A 143 12.87 9.93 -18.00
N GLU A 144 11.57 9.69 -17.89
CA GLU A 144 10.78 9.34 -19.07
C GLU A 144 10.32 10.60 -19.79
N TYR A 145 10.57 11.74 -19.15
CA TYR A 145 10.19 13.03 -19.73
C TYR A 145 11.44 13.66 -20.33
N ASN A 146 12.58 13.45 -19.67
CA ASN A 146 13.84 13.99 -20.13
C ASN A 146 14.30 13.33 -21.42
N VAL A 147 13.76 12.14 -21.70
CA VAL A 147 14.12 11.41 -22.91
C VAL A 147 13.27 11.83 -24.10
N LYS A 148 11.97 12.01 -23.87
CA LYS A 148 11.07 12.42 -24.93
C LYS A 148 11.21 13.91 -25.26
N PHE A 149 11.80 14.68 -24.34
CA PHE A 149 11.96 16.11 -24.57
C PHE A 149 13.31 16.66 -24.09
N ALA A 150 14.40 16.11 -24.62
CA ALA A 150 15.75 16.57 -24.24
C ALA A 150 15.84 18.09 -24.30
N HIS A 162 22.85 13.42 -17.02
CA HIS A 162 21.42 13.68 -16.84
C HIS A 162 20.60 12.49 -17.29
N ARG A 163 21.14 11.30 -17.08
CA ARG A 163 20.48 10.06 -17.47
C ARG A 163 20.44 9.01 -16.35
N PHE A 164 20.99 9.36 -15.19
CA PHE A 164 21.00 8.45 -14.05
C PHE A 164 19.75 8.68 -13.21
N GLU A 165 18.75 9.30 -13.83
CA GLU A 165 17.49 9.60 -13.16
C GLU A 165 16.64 8.34 -13.09
N TRP A 166 15.47 8.45 -12.46
CA TRP A 166 14.57 7.31 -12.28
C TRP A 166 13.32 7.36 -13.17
N THR A 167 12.77 6.19 -13.48
CA THR A 167 11.56 6.10 -14.28
C THR A 167 10.39 6.19 -13.31
N ARG A 168 9.18 6.44 -13.81
CA ARG A 168 8.02 6.55 -12.94
C ARG A 168 7.79 5.24 -12.19
N SER A 169 8.12 4.14 -12.85
CA SER A 169 7.95 2.82 -12.29
C SER A 169 8.95 2.60 -11.15
N GLN A 170 10.22 2.88 -11.43
CA GLN A 170 11.26 2.73 -10.43
C GLN A 170 10.97 3.55 -9.18
N PHE A 171 10.62 4.81 -9.36
CA PHE A 171 10.31 5.71 -8.26
C PHE A 171 9.14 5.20 -7.42
N GLN A 172 8.06 4.81 -8.10
CA GLN A 172 6.88 4.33 -7.40
C GLN A 172 7.07 2.99 -6.70
N ASN A 173 7.94 2.13 -7.23
CA ASN A 173 8.20 0.84 -6.59
C ASN A 173 9.05 1.13 -5.35
N TRP A 174 9.98 2.07 -5.49
CA TRP A 174 10.86 2.46 -4.40
C TRP A 174 10.01 2.95 -3.24
N ALA A 175 9.05 3.83 -3.54
CA ALA A 175 8.19 4.42 -2.53
C ALA A 175 7.22 3.43 -1.91
N ASN A 176 6.70 2.52 -2.73
CA ASN A 176 5.78 1.52 -2.23
C ASN A 176 6.58 0.58 -1.33
N LYS A 177 7.81 0.27 -1.72
CA LYS A 177 8.65 -0.60 -0.91
C LYS A 177 8.88 0.09 0.43
N ILE A 178 8.87 1.42 0.44
CA ILE A 178 9.08 2.14 1.70
C ILE A 178 7.90 1.93 2.64
N THR A 179 6.68 1.98 2.10
CA THR A 179 5.51 1.81 2.95
C THR A 179 5.33 0.37 3.43
N GLU A 180 6.14 -0.54 2.89
CA GLU A 180 6.09 -1.96 3.26
C GLU A 180 7.05 -2.23 4.40
N ARG A 181 8.13 -1.47 4.46
CA ARG A 181 9.15 -1.63 5.50
C ARG A 181 8.98 -0.67 6.65
N PHE A 182 8.46 0.51 6.34
CA PHE A 182 8.28 1.54 7.34
C PHE A 182 6.82 1.92 7.59
N ALA A 183 6.55 2.51 8.76
CA ALA A 183 5.16 2.88 9.12
C ALA A 183 4.63 4.11 8.39
N TYR A 184 4.61 4.03 7.06
CA TYR A 184 4.13 5.15 6.26
C TYR A 184 3.22 4.69 5.12
N ASN A 185 2.43 5.63 4.64
CA ASN A 185 1.55 5.40 3.50
C ASN A 185 2.00 6.52 2.54
N VAL A 186 1.91 6.27 1.24
CA VAL A 186 2.38 7.24 0.27
C VAL A 186 1.31 7.69 -0.74
N GLN A 187 1.44 8.91 -1.20
CA GLN A 187 0.55 9.49 -2.21
C GLN A 187 1.44 10.11 -3.26
N PHE A 188 1.15 9.87 -4.53
CA PHE A 188 1.95 10.45 -5.60
C PHE A 188 1.24 11.68 -6.15
N GLN A 189 2.02 12.68 -6.50
CA GLN A 189 1.49 13.94 -7.01
C GLN A 189 2.51 14.60 -7.94
N PRO A 190 2.45 14.28 -9.25
CA PRO A 190 3.42 14.89 -10.17
C PRO A 190 3.26 16.41 -10.13
N ILE A 191 4.36 17.13 -10.31
CA ILE A 191 4.27 18.59 -10.27
C ILE A 191 4.39 19.24 -11.64
N GLY A 192 5.04 18.57 -12.58
CA GLY A 192 5.18 19.13 -13.92
C GLY A 192 3.88 19.21 -14.70
N GLU A 193 3.89 18.67 -15.92
CA GLU A 193 2.71 18.69 -16.77
C GLU A 193 2.55 17.39 -17.57
N ALA A 194 1.42 16.73 -17.37
CA ALA A 194 1.13 15.46 -18.04
C ALA A 194 1.53 15.50 -19.51
N ASP A 195 2.13 14.41 -19.99
CA ASP A 195 2.56 14.34 -21.38
C ASP A 195 1.41 14.38 -22.39
N PRO A 196 0.31 13.63 -22.15
CA PRO A 196 0.01 12.72 -21.04
C PRO A 196 0.29 11.26 -21.38
N GLU A 197 1.55 10.96 -21.70
CA GLU A 197 1.96 9.60 -22.03
C GLU A 197 3.11 9.18 -21.11
N VAL A 198 4.01 10.11 -20.82
CA VAL A 198 5.14 9.83 -19.92
C VAL A 198 5.01 10.62 -18.62
N GLY A 199 3.82 11.12 -18.35
CA GLY A 199 3.58 11.89 -17.13
C GLY A 199 4.31 13.21 -17.07
N SER A 200 4.37 13.82 -15.88
CA SER A 200 5.04 15.10 -15.68
C SER A 200 6.54 14.93 -15.53
N PRO A 201 7.30 16.02 -15.73
CA PRO A 201 8.76 16.00 -15.64
C PRO A 201 9.33 15.76 -14.24
N THR A 202 8.54 16.07 -13.21
CA THR A 202 8.97 15.88 -11.83
C THR A 202 8.00 15.02 -11.03
N GLN A 203 8.51 13.93 -10.46
CA GLN A 203 7.68 13.05 -9.63
C GLN A 203 7.85 13.48 -8.17
N MET A 204 6.76 13.44 -7.41
CA MET A 204 6.81 13.80 -6.00
C MET A 204 6.10 12.73 -5.18
N ALA A 205 6.62 12.46 -3.99
CA ALA A 205 6.00 11.48 -3.13
C ALA A 205 5.78 12.13 -1.77
N VAL A 206 4.55 12.06 -1.28
CA VAL A 206 4.24 12.61 0.02
C VAL A 206 3.92 11.42 0.92
N PHE A 207 4.82 11.11 1.83
CA PHE A 207 4.65 10.01 2.77
C PHE A 207 4.04 10.55 4.05
N ILE A 208 3.00 9.89 4.54
CA ILE A 208 2.38 10.33 5.78
C ILE A 208 2.48 9.18 6.78
N HIS A 209 2.97 9.48 7.98
CA HIS A 209 3.13 8.45 8.99
C HIS A 209 1.78 7.92 9.44
N ARG A 210 1.70 6.61 9.62
CA ARG A 210 0.48 5.99 10.10
C ARG A 210 0.25 6.41 11.56
N GLY A 211 -1.02 6.44 11.99
CA GLY A 211 -1.31 6.78 13.37
C GLY A 211 -0.94 5.56 14.17
N HIS A 212 -0.80 5.64 15.49
CA HIS A 212 -0.47 4.42 16.21
C HIS A 212 -1.69 3.62 16.64
N SER B 12 -27.26 -15.38 -13.04
CA SER B 12 -27.53 -15.43 -11.57
C SER B 12 -26.40 -14.76 -10.78
N LEU B 13 -26.75 -14.16 -9.66
CA LEU B 13 -25.77 -13.48 -8.81
C LEU B 13 -24.71 -14.42 -8.29
N ASN B 14 -25.08 -15.26 -7.33
CA ASN B 14 -24.15 -16.20 -6.73
C ASN B 14 -23.40 -16.97 -7.80
N GLN B 15 -24.05 -17.20 -8.93
CA GLN B 15 -23.43 -17.93 -10.03
C GLN B 15 -22.20 -17.17 -10.53
N GLN B 16 -22.35 -15.86 -10.69
CA GLN B 16 -21.26 -15.01 -11.16
C GLN B 16 -20.13 -14.98 -10.15
N ARG B 17 -20.47 -14.97 -8.86
CA ARG B 17 -19.48 -14.94 -7.81
C ARG B 17 -18.58 -16.17 -7.91
N MET B 18 -19.20 -17.34 -8.10
CA MET B 18 -18.45 -18.59 -8.21
C MET B 18 -17.48 -18.55 -9.39
N ASN B 19 -17.96 -18.15 -10.55
CA ASN B 19 -17.13 -18.09 -11.74
C ASN B 19 -15.99 -17.11 -11.55
N GLY B 20 -16.30 -15.93 -11.02
CA GLY B 20 -15.28 -14.92 -10.81
C GLY B 20 -14.19 -15.40 -9.88
N VAL B 21 -14.57 -16.12 -8.83
CA VAL B 21 -13.60 -16.65 -7.89
C VAL B 21 -12.72 -17.65 -8.65
N VAL B 22 -13.36 -18.50 -9.45
CA VAL B 22 -12.62 -19.50 -10.22
C VAL B 22 -11.62 -18.84 -11.17
N ALA B 23 -12.05 -17.80 -11.89
CA ALA B 23 -11.17 -17.11 -12.82
C ALA B 23 -9.96 -16.55 -12.08
N ALA B 24 -10.20 -15.94 -10.92
CA ALA B 24 -9.11 -15.37 -10.13
C ALA B 24 -8.13 -16.46 -9.69
N LEU B 25 -8.64 -17.64 -9.35
CA LEU B 25 -7.79 -18.75 -8.94
C LEU B 25 -6.98 -19.24 -10.13
N LYS B 26 -7.60 -19.23 -11.31
CA LYS B 26 -6.94 -19.66 -12.54
C LYS B 26 -5.74 -18.74 -12.78
N GLN B 27 -6.04 -17.45 -12.93
CA GLN B 27 -5.03 -16.43 -13.15
C GLN B 27 -3.75 -16.63 -12.36
N SER B 28 -3.87 -16.89 -11.06
CA SER B 28 -2.70 -17.10 -10.22
C SER B 28 -2.21 -18.54 -10.17
N ASN B 29 -2.75 -19.38 -11.05
CA ASN B 29 -2.39 -20.80 -11.12
C ASN B 29 -2.48 -21.49 -9.77
N ALA B 30 -3.56 -21.20 -9.03
CA ALA B 30 -3.78 -21.80 -7.71
C ALA B 30 -4.49 -23.13 -7.90
N ARG B 31 -3.76 -24.22 -7.77
CA ARG B 31 -4.35 -25.54 -7.95
C ARG B 31 -4.63 -26.23 -6.61
N ARG B 32 -4.07 -25.68 -5.54
CA ARG B 32 -4.29 -26.22 -4.21
C ARG B 32 -5.09 -25.17 -3.46
N VAL B 33 -6.39 -25.38 -3.34
CA VAL B 33 -7.26 -24.40 -2.69
C VAL B 33 -7.97 -24.83 -1.41
N ILE B 34 -7.89 -23.99 -0.38
CA ILE B 34 -8.58 -24.26 0.87
C ILE B 34 -9.72 -23.26 1.06
N ASP B 35 -10.93 -23.78 1.27
CA ASP B 35 -12.10 -22.95 1.42
C ASP B 35 -12.52 -22.76 2.88
N LEU B 36 -12.23 -21.57 3.41
CA LEU B 36 -12.55 -21.23 4.78
C LEU B 36 -13.99 -20.73 4.88
N GLY B 37 -14.81 -21.48 5.60
CA GLY B 37 -16.22 -21.14 5.73
C GLY B 37 -16.90 -21.65 4.47
N CYS B 38 -16.56 -22.89 4.10
CA CYS B 38 -17.10 -23.51 2.89
C CYS B 38 -18.61 -23.62 2.89
N GLY B 39 -19.19 -23.65 4.08
CA GLY B 39 -20.63 -23.77 4.20
C GLY B 39 -21.12 -25.10 3.65
N GLN B 40 -22.20 -25.05 2.88
CA GLN B 40 -22.78 -26.26 2.30
C GLN B 40 -21.88 -26.90 1.26
N GLY B 41 -20.81 -26.20 0.89
CA GLY B 41 -19.87 -26.72 -0.09
C GLY B 41 -20.14 -26.32 -1.53
N ASN B 42 -20.72 -25.14 -1.74
CA ASN B 42 -21.01 -24.69 -3.10
C ASN B 42 -19.75 -24.55 -3.95
N LEU B 43 -18.74 -23.85 -3.43
CA LEU B 43 -17.50 -23.67 -4.16
C LEU B 43 -16.77 -25.00 -4.33
N LEU B 44 -16.75 -25.81 -3.26
CA LEU B 44 -16.09 -27.12 -3.28
C LEU B 44 -16.62 -28.00 -4.41
N LYS B 45 -17.90 -27.87 -4.71
CA LYS B 45 -18.54 -28.65 -5.76
C LYS B 45 -17.89 -28.33 -7.09
N ILE B 46 -17.81 -27.05 -7.42
CA ILE B 46 -17.21 -26.62 -8.68
C ILE B 46 -15.73 -27.02 -8.79
N LEU B 47 -14.96 -26.79 -7.73
CA LEU B 47 -13.54 -27.14 -7.76
C LEU B 47 -13.30 -28.64 -7.86
N LEU B 48 -14.23 -29.45 -7.32
CA LEU B 48 -14.04 -30.89 -7.39
C LEU B 48 -14.26 -31.40 -8.82
N LYS B 49 -15.22 -30.82 -9.52
CA LYS B 49 -15.51 -31.25 -10.89
C LYS B 49 -14.57 -30.64 -11.93
N ASP B 50 -13.49 -30.02 -11.47
CA ASP B 50 -12.52 -29.42 -12.37
C ASP B 50 -11.14 -29.99 -12.07
N SER B 51 -10.59 -30.75 -13.02
CA SER B 51 -9.28 -31.37 -12.83
C SER B 51 -8.12 -30.39 -12.73
N PHE B 52 -8.38 -29.13 -13.06
CA PHE B 52 -7.36 -28.09 -12.98
C PHE B 52 -6.82 -27.98 -11.56
N PHE B 53 -7.69 -28.27 -10.60
CA PHE B 53 -7.34 -28.21 -9.18
C PHE B 53 -6.91 -29.56 -8.64
N GLU B 54 -5.71 -29.62 -8.08
CA GLU B 54 -5.19 -30.87 -7.53
C GLU B 54 -5.62 -31.15 -6.11
N GLN B 55 -6.07 -30.12 -5.41
CA GLN B 55 -6.48 -30.33 -4.03
C GLN B 55 -7.47 -29.28 -3.55
N ILE B 56 -8.62 -29.75 -3.11
CA ILE B 56 -9.66 -28.87 -2.62
C ILE B 56 -10.03 -29.25 -1.19
N THR B 57 -9.81 -28.33 -0.25
CA THR B 57 -10.14 -28.57 1.14
C THR B 57 -11.15 -27.55 1.61
N GLY B 58 -12.14 -28.02 2.37
CA GLY B 58 -13.16 -27.14 2.89
C GLY B 58 -13.13 -27.12 4.41
N VAL B 59 -13.32 -25.94 4.99
CA VAL B 59 -13.33 -25.79 6.44
C VAL B 59 -14.57 -25.01 6.85
N ASP B 60 -15.17 -25.43 7.96
CA ASP B 60 -16.36 -24.78 8.50
C ASP B 60 -16.50 -25.26 9.94
N VAL B 61 -17.17 -24.46 10.77
CA VAL B 61 -17.36 -24.82 12.17
C VAL B 61 -18.65 -25.64 12.33
N SER B 62 -19.56 -25.46 11.39
CA SER B 62 -20.85 -26.16 11.38
C SER B 62 -20.73 -27.65 11.01
N TYR B 63 -20.98 -28.53 11.99
CA TYR B 63 -20.92 -29.96 11.74
C TYR B 63 -22.01 -30.30 10.73
N ARG B 64 -23.13 -29.59 10.83
CA ARG B 64 -24.24 -29.83 9.94
C ARG B 64 -23.94 -29.44 8.50
N SER B 65 -23.36 -28.26 8.29
CA SER B 65 -23.03 -27.82 6.94
C SER B 65 -22.04 -28.79 6.30
N LEU B 66 -21.15 -29.33 7.12
CA LEU B 66 -20.16 -30.28 6.64
C LEU B 66 -20.80 -31.62 6.27
N GLU B 67 -21.86 -32.00 6.98
CA GLU B 67 -22.56 -33.24 6.71
C GLU B 67 -23.09 -33.15 5.29
N ILE B 68 -23.87 -32.10 5.07
CA ILE B 68 -24.48 -31.82 3.78
C ILE B 68 -23.43 -31.79 2.68
N ALA B 69 -22.39 -30.99 2.90
CA ALA B 69 -21.31 -30.88 1.92
C ALA B 69 -20.77 -32.24 1.47
N GLN B 70 -20.38 -33.06 2.45
CA GLN B 70 -19.82 -34.37 2.17
C GLN B 70 -20.76 -35.24 1.35
N GLU B 71 -22.04 -35.26 1.72
CA GLU B 71 -23.01 -36.08 1.01
C GLU B 71 -23.30 -35.60 -0.42
N ARG B 72 -23.33 -34.29 -0.64
CA ARG B 72 -23.61 -33.82 -2.00
C ARG B 72 -22.36 -33.96 -2.87
N LEU B 73 -21.20 -33.81 -2.28
CA LEU B 73 -19.98 -33.95 -3.05
C LEU B 73 -19.82 -35.43 -3.43
N ASP B 74 -20.35 -36.33 -2.61
CA ASP B 74 -20.27 -37.75 -2.89
C ASP B 74 -21.22 -38.17 -4.01
N ARG B 75 -22.19 -37.31 -4.32
CA ARG B 75 -23.15 -37.64 -5.37
C ARG B 75 -22.70 -37.19 -6.77
N LEU B 76 -21.64 -36.39 -6.83
CA LEU B 76 -21.11 -35.90 -8.11
C LEU B 76 -20.62 -37.04 -9.01
N ARG B 77 -20.82 -36.90 -10.32
CA ARG B 77 -20.34 -37.90 -11.29
C ARG B 77 -18.92 -37.49 -11.66
N LEU B 78 -17.94 -38.21 -11.13
CA LEU B 78 -16.54 -37.89 -11.36
C LEU B 78 -15.69 -39.11 -11.64
N PRO B 79 -14.39 -38.91 -11.95
CA PRO B 79 -13.47 -40.02 -12.22
C PRO B 79 -13.20 -40.79 -10.94
N ARG B 80 -12.72 -42.03 -11.08
CA ARG B 80 -12.43 -42.89 -9.93
C ARG B 80 -11.46 -42.20 -8.98
N ASN B 81 -11.67 -42.44 -7.70
CA ASN B 81 -10.87 -41.88 -6.61
C ASN B 81 -10.45 -40.41 -6.75
N GLN B 82 -11.40 -39.58 -7.20
CA GLN B 82 -11.18 -38.15 -7.35
C GLN B 82 -11.28 -37.53 -5.95
N TRP B 83 -12.21 -38.08 -5.18
CA TRP B 83 -12.47 -37.62 -3.83
C TRP B 83 -11.20 -37.69 -2.97
N GLU B 84 -10.14 -38.29 -3.50
CA GLU B 84 -8.90 -38.36 -2.75
C GLU B 84 -8.32 -36.96 -2.77
N ARG B 85 -8.87 -36.11 -3.64
CA ARG B 85 -8.46 -34.71 -3.76
C ARG B 85 -9.15 -33.87 -2.68
N LEU B 86 -10.36 -34.30 -2.31
CA LEU B 86 -11.18 -33.61 -1.31
C LEU B 86 -10.83 -33.93 0.14
N GLN B 87 -11.21 -33.01 1.02
CA GLN B 87 -10.96 -33.17 2.44
C GLN B 87 -11.80 -32.15 3.22
N LEU B 88 -12.69 -32.65 4.09
CA LEU B 88 -13.51 -31.76 4.90
C LEU B 88 -13.00 -31.73 6.32
N ILE B 89 -12.78 -30.52 6.82
CA ILE B 89 -12.27 -30.33 8.16
C ILE B 89 -13.23 -29.44 8.93
N GLN B 90 -13.57 -29.85 10.15
CA GLN B 90 -14.45 -29.04 10.95
C GLN B 90 -13.54 -28.27 11.92
N GLY B 91 -13.87 -27.01 12.17
CA GLY B 91 -13.07 -26.19 13.05
C GLY B 91 -13.37 -24.72 12.88
N ALA B 92 -12.96 -23.89 13.84
CA ALA B 92 -13.21 -22.46 13.75
C ALA B 92 -12.11 -21.81 12.92
N LEU B 93 -12.45 -20.72 12.23
CA LEU B 93 -11.47 -20.03 11.40
C LEU B 93 -10.53 -19.15 12.21
N THR B 94 -10.86 -18.95 13.48
CA THR B 94 -10.04 -18.11 14.35
C THR B 94 -8.98 -18.90 15.08
N TYR B 95 -8.81 -20.16 14.68
CA TYR B 95 -7.84 -21.03 15.31
C TYR B 95 -6.75 -21.40 14.30
N GLN B 96 -5.49 -21.21 14.71
CA GLN B 96 -4.36 -21.51 13.83
C GLN B 96 -4.14 -23.01 13.76
N ASP B 97 -4.84 -23.66 12.82
CA ASP B 97 -4.74 -25.09 12.65
C ASP B 97 -3.57 -25.45 11.72
N LYS B 98 -2.68 -26.33 12.19
CA LYS B 98 -1.53 -26.74 11.41
C LYS B 98 -1.90 -27.30 10.04
N ARG B 99 -3.20 -27.52 9.84
CA ARG B 99 -3.67 -28.06 8.58
C ARG B 99 -4.09 -27.00 7.58
N PHE B 100 -3.80 -25.73 7.88
CA PHE B 100 -4.16 -24.66 6.97
C PHE B 100 -2.97 -24.25 6.12
N HIS B 101 -1.92 -25.06 6.12
CA HIS B 101 -0.70 -24.74 5.36
C HIS B 101 -0.58 -25.48 4.04
N GLY B 102 0.33 -24.99 3.20
CA GLY B 102 0.62 -25.63 1.94
C GLY B 102 -0.24 -25.32 0.76
N TYR B 103 -1.37 -24.66 0.97
CA TYR B 103 -2.26 -24.32 -0.13
C TYR B 103 -1.76 -23.13 -0.96
N ASP B 104 -2.18 -23.09 -2.22
CA ASP B 104 -1.80 -21.98 -3.09
C ASP B 104 -2.71 -20.80 -2.81
N ALA B 105 -3.99 -21.10 -2.56
CA ALA B 105 -4.98 -20.08 -2.30
C ALA B 105 -6.02 -20.50 -1.28
N ALA B 106 -6.51 -19.53 -0.52
CA ALA B 106 -7.53 -19.75 0.47
C ALA B 106 -8.65 -18.83 0.05
N THR B 107 -9.88 -19.33 0.03
CA THR B 107 -11.00 -18.48 -0.34
C THR B 107 -11.90 -18.21 0.86
N VAL B 108 -12.30 -16.95 1.00
CA VAL B 108 -13.17 -16.52 2.10
C VAL B 108 -14.33 -15.84 1.40
N ILE B 109 -15.35 -16.63 1.06
CA ILE B 109 -16.50 -16.13 0.34
C ILE B 109 -17.73 -15.88 1.20
N GLU B 110 -18.15 -14.62 1.24
CA GLU B 110 -19.31 -14.22 2.02
C GLU B 110 -19.18 -14.71 3.45
N VAL B 111 -18.03 -14.49 4.06
CA VAL B 111 -17.77 -14.94 5.42
C VAL B 111 -17.45 -13.82 6.42
N ILE B 112 -16.59 -12.87 6.04
CA ILE B 112 -16.20 -11.77 6.93
C ILE B 112 -17.38 -11.08 7.64
N GLU B 113 -18.38 -10.67 6.87
CA GLU B 113 -19.55 -10.00 7.44
C GLU B 113 -20.12 -10.70 8.68
N HIS B 114 -20.10 -12.02 8.67
CA HIS B 114 -20.64 -12.81 9.78
C HIS B 114 -19.71 -12.87 10.99
N LEU B 115 -18.58 -12.19 10.91
CA LEU B 115 -17.62 -12.17 12.01
C LEU B 115 -17.55 -10.77 12.62
N ASP B 116 -17.65 -10.70 13.95
CA ASP B 116 -17.58 -9.42 14.64
C ASP B 116 -16.13 -9.01 14.78
N LEU B 117 -15.91 -7.73 15.08
CA LEU B 117 -14.55 -7.20 15.23
C LEU B 117 -13.64 -8.08 16.08
N SER B 118 -14.25 -8.86 16.97
CA SER B 118 -13.48 -9.76 17.84
C SER B 118 -12.89 -10.91 17.03
N ARG B 119 -13.76 -11.76 16.49
CA ARG B 119 -13.31 -12.90 15.69
C ARG B 119 -12.64 -12.44 14.39
N LEU B 120 -13.02 -11.27 13.89
CA LEU B 120 -12.46 -10.76 12.66
C LEU B 120 -10.95 -10.58 12.76
N GLY B 121 -10.51 -10.05 13.90
CA GLY B 121 -9.09 -9.83 14.11
C GLY B 121 -8.30 -11.13 14.11
N ALA B 122 -8.72 -12.09 14.93
CA ALA B 122 -8.04 -13.37 15.02
C ALA B 122 -8.00 -14.08 13.66
N PHE B 123 -9.09 -13.98 12.91
CA PHE B 123 -9.17 -14.62 11.61
C PHE B 123 -8.13 -14.05 10.65
N GLU B 124 -7.88 -12.74 10.75
CA GLU B 124 -6.92 -12.07 9.90
C GLU B 124 -5.53 -12.63 10.15
N ARG B 125 -5.18 -12.86 11.41
CA ARG B 125 -3.88 -13.42 11.72
C ARG B 125 -3.81 -14.84 11.17
N VAL B 126 -4.79 -15.67 11.51
CA VAL B 126 -4.81 -17.04 11.03
C VAL B 126 -4.59 -17.11 9.53
N LEU B 127 -5.33 -16.28 8.81
CA LEU B 127 -5.27 -16.27 7.35
C LEU B 127 -4.04 -15.61 6.73
N PHE B 128 -3.76 -14.36 7.09
CA PHE B 128 -2.63 -13.62 6.53
C PHE B 128 -1.27 -13.79 7.21
N GLU B 129 -1.26 -14.31 8.42
CA GLU B 129 -0.03 -14.51 9.16
C GLU B 129 0.35 -15.99 9.29
N PHE B 130 -0.52 -16.77 9.92
CA PHE B 130 -0.28 -18.20 10.14
C PHE B 130 -0.24 -19.03 8.85
N ALA B 131 -1.36 -19.12 8.15
CA ALA B 131 -1.43 -19.90 6.90
C ALA B 131 -0.55 -19.29 5.81
N GLN B 132 -0.69 -17.98 5.63
CA GLN B 132 0.06 -17.20 4.65
C GLN B 132 0.14 -17.78 3.23
N PRO B 133 -1.01 -18.03 2.59
CA PRO B 133 -1.00 -18.57 1.23
C PRO B 133 -0.64 -17.49 0.21
N LYS B 134 -0.21 -17.91 -0.97
CA LYS B 134 0.17 -16.96 -2.00
C LYS B 134 -1.02 -16.12 -2.47
N ILE B 135 -2.20 -16.71 -2.48
CA ILE B 135 -3.39 -16.00 -2.94
C ILE B 135 -4.53 -16.10 -1.92
N VAL B 136 -5.27 -15.01 -1.76
CA VAL B 136 -6.41 -14.98 -0.86
C VAL B 136 -7.51 -14.20 -1.54
N ILE B 137 -8.60 -14.88 -1.85
CA ILE B 137 -9.71 -14.23 -2.51
C ILE B 137 -10.83 -14.04 -1.49
N VAL B 138 -11.25 -12.79 -1.30
CA VAL B 138 -12.30 -12.48 -0.36
C VAL B 138 -13.41 -11.70 -1.06
N THR B 139 -14.65 -12.16 -0.91
CA THR B 139 -15.79 -11.47 -1.49
C THR B 139 -16.76 -11.17 -0.36
N THR B 140 -17.61 -10.16 -0.56
CA THR B 140 -18.58 -9.80 0.44
C THR B 140 -19.65 -8.91 -0.20
N PRO B 141 -20.89 -8.93 0.33
CA PRO B 141 -21.96 -8.11 -0.23
C PRO B 141 -21.68 -6.61 -0.22
N ASN B 142 -22.27 -5.91 -1.19
CA ASN B 142 -22.13 -4.46 -1.27
C ASN B 142 -23.45 -3.88 -0.77
N ILE B 143 -23.51 -3.60 0.53
CA ILE B 143 -24.70 -3.06 1.17
C ILE B 143 -25.30 -1.90 0.37
N GLU B 144 -24.43 -1.11 -0.25
CA GLU B 144 -24.87 0.03 -1.05
C GLU B 144 -25.78 -0.41 -2.18
N TYR B 145 -25.43 -1.54 -2.80
CA TYR B 145 -26.20 -2.05 -3.91
C TYR B 145 -27.54 -2.61 -3.42
N ASN B 146 -27.52 -3.24 -2.25
CA ASN B 146 -28.72 -3.83 -1.68
C ASN B 146 -29.69 -2.81 -1.09
N VAL B 147 -29.21 -1.61 -0.82
CA VAL B 147 -30.05 -0.56 -0.27
C VAL B 147 -30.91 -0.01 -1.40
N LYS B 148 -30.27 0.23 -2.55
CA LYS B 148 -30.97 0.74 -3.72
C LYS B 148 -31.81 -0.38 -4.34
N PHE B 149 -31.19 -1.16 -5.20
CA PHE B 149 -31.86 -2.27 -5.87
C PHE B 149 -32.14 -3.41 -4.90
N ARG B 163 -28.09 -6.14 6.54
CA ARG B 163 -27.89 -4.92 7.29
C ARG B 163 -26.47 -4.80 7.84
N PHE B 164 -25.92 -5.91 8.32
CA PHE B 164 -24.56 -5.91 8.86
C PHE B 164 -23.54 -6.00 7.71
N GLU B 165 -24.05 -5.88 6.48
CA GLU B 165 -23.22 -5.93 5.28
C GLU B 165 -22.25 -4.77 5.27
N TRP B 166 -21.26 -4.84 4.38
CA TRP B 166 -20.25 -3.80 4.28
C TRP B 166 -20.45 -2.88 3.09
N THR B 167 -19.88 -1.68 3.21
CA THR B 167 -19.96 -0.67 2.16
C THR B 167 -18.66 -0.73 1.36
N ARG B 168 -18.71 -0.33 0.10
CA ARG B 168 -17.52 -0.36 -0.75
C ARG B 168 -16.37 0.36 -0.06
N SER B 169 -16.66 1.54 0.47
CA SER B 169 -15.66 2.34 1.15
C SER B 169 -14.96 1.59 2.29
N GLN B 170 -15.72 1.11 3.27
CA GLN B 170 -15.13 0.41 4.40
C GLN B 170 -14.56 -0.97 4.06
N PHE B 171 -14.84 -1.46 2.87
CA PHE B 171 -14.31 -2.77 2.47
C PHE B 171 -12.91 -2.57 1.94
N GLN B 172 -12.75 -1.61 1.03
CA GLN B 172 -11.45 -1.33 0.44
C GLN B 172 -10.51 -0.83 1.52
N ASN B 173 -11.06 -0.30 2.60
CA ASN B 173 -10.23 0.19 3.70
C ASN B 173 -9.70 -1.00 4.46
N TRP B 174 -10.63 -1.88 4.85
CA TRP B 174 -10.28 -3.09 5.58
C TRP B 174 -9.20 -3.84 4.82
N ALA B 175 -9.40 -3.93 3.50
CA ALA B 175 -8.47 -4.62 2.62
C ALA B 175 -7.12 -3.94 2.58
N ASN B 176 -7.13 -2.61 2.61
CA ASN B 176 -5.88 -1.85 2.57
C ASN B 176 -5.14 -1.93 3.89
N LYS B 177 -5.89 -1.99 4.99
CA LYS B 177 -5.28 -2.10 6.30
C LYS B 177 -4.60 -3.46 6.38
N ILE B 178 -5.11 -4.41 5.61
CA ILE B 178 -4.53 -5.75 5.60
C ILE B 178 -3.15 -5.65 4.96
N THR B 179 -3.07 -4.94 3.84
CA THR B 179 -1.81 -4.77 3.13
C THR B 179 -0.77 -3.97 3.91
N GLU B 180 -1.21 -3.32 4.98
CA GLU B 180 -0.32 -2.52 5.80
C GLU B 180 0.28 -3.33 6.93
N ARG B 181 -0.48 -4.30 7.44
CA ARG B 181 0.00 -5.12 8.55
C ARG B 181 0.59 -6.43 8.06
N PHE B 182 0.11 -6.91 6.93
CA PHE B 182 0.57 -8.17 6.38
C PHE B 182 1.23 -8.04 5.01
N ALA B 183 2.10 -9.01 4.73
CA ALA B 183 2.88 -9.06 3.49
C ALA B 183 2.09 -9.35 2.21
N TYR B 184 1.06 -8.56 1.93
CA TYR B 184 0.24 -8.75 0.72
C TYR B 184 -0.07 -7.45 0.00
N ASN B 185 -0.42 -7.58 -1.27
CA ASN B 185 -0.85 -6.46 -2.11
C ASN B 185 -2.28 -6.87 -2.47
N VAL B 186 -3.15 -5.92 -2.81
CA VAL B 186 -4.53 -6.27 -3.14
C VAL B 186 -5.08 -5.53 -4.33
N GLN B 187 -5.98 -6.19 -5.07
CA GLN B 187 -6.64 -5.62 -6.23
C GLN B 187 -8.14 -5.77 -5.98
N PHE B 188 -8.96 -4.97 -6.64
CA PHE B 188 -10.40 -5.08 -6.46
C PHE B 188 -11.08 -5.45 -7.76
N GLN B 189 -12.11 -6.28 -7.67
CA GLN B 189 -12.82 -6.73 -8.86
C GLN B 189 -14.33 -6.78 -8.65
N PRO B 190 -15.06 -5.77 -9.14
CA PRO B 190 -16.52 -5.71 -9.00
C PRO B 190 -17.18 -6.92 -9.64
N ILE B 191 -18.30 -7.36 -9.08
CA ILE B 191 -19.01 -8.52 -9.60
C ILE B 191 -20.52 -8.35 -9.45
N GLY B 192 -21.24 -8.55 -10.54
CA GLY B 192 -22.69 -8.42 -10.50
C GLY B 192 -23.28 -7.71 -11.71
N GLU B 193 -24.00 -6.62 -11.46
CA GLU B 193 -24.62 -5.86 -12.54
C GLU B 193 -24.02 -4.47 -12.69
N ALA B 194 -22.81 -4.30 -12.18
CA ALA B 194 -22.11 -3.02 -12.26
C ALA B 194 -22.95 -1.87 -11.72
N ASP B 195 -23.58 -1.12 -12.62
CA ASP B 195 -24.41 0.03 -12.25
C ASP B 195 -23.56 1.11 -11.59
N PRO B 196 -23.14 2.12 -12.37
CA PRO B 196 -22.32 3.21 -11.85
C PRO B 196 -23.02 4.00 -10.76
N GLU B 197 -22.23 4.76 -9.99
CA GLU B 197 -22.77 5.57 -8.91
C GLU B 197 -23.40 4.71 -7.81
N VAL B 198 -23.19 3.39 -7.92
CA VAL B 198 -23.73 2.45 -6.94
C VAL B 198 -22.76 1.29 -6.72
N GLY B 199 -22.11 0.87 -7.79
CA GLY B 199 -21.15 -0.22 -7.69
C GLY B 199 -21.81 -1.57 -7.90
N SER B 200 -21.00 -2.62 -7.98
CA SER B 200 -21.52 -3.97 -8.17
C SER B 200 -22.09 -4.53 -6.87
N PRO B 201 -23.03 -5.47 -6.96
CA PRO B 201 -23.65 -6.07 -5.77
C PRO B 201 -22.67 -6.85 -4.89
N THR B 202 -21.65 -7.45 -5.50
CA THR B 202 -20.65 -8.22 -4.77
C THR B 202 -19.25 -7.63 -4.91
N GLN B 203 -18.58 -7.43 -3.79
CA GLN B 203 -17.22 -6.89 -3.81
C GLN B 203 -16.23 -8.03 -3.68
N MET B 204 -15.22 -8.07 -4.54
CA MET B 204 -14.22 -9.12 -4.46
C MET B 204 -12.84 -8.52 -4.33
N ALA B 205 -12.06 -9.06 -3.40
CA ALA B 205 -10.71 -8.59 -3.16
C ALA B 205 -9.74 -9.74 -3.40
N VAL B 206 -8.75 -9.52 -4.24
CA VAL B 206 -7.75 -10.54 -4.53
C VAL B 206 -6.42 -10.14 -3.92
N PHE B 207 -6.02 -10.81 -2.84
CA PHE B 207 -4.76 -10.54 -2.17
C PHE B 207 -3.67 -11.45 -2.71
N ILE B 208 -2.60 -10.85 -3.20
CA ILE B 208 -1.48 -11.61 -3.74
C ILE B 208 -0.27 -11.35 -2.86
N HIS B 209 0.20 -12.39 -2.17
CA HIS B 209 1.35 -12.27 -1.30
C HIS B 209 2.50 -11.66 -2.09
N ARG B 210 3.41 -10.99 -1.40
CA ARG B 210 4.56 -10.38 -2.04
C ARG B 210 5.71 -11.37 -2.16
N GLY B 211 6.46 -11.27 -3.26
CA GLY B 211 7.60 -12.15 -3.44
C GLY B 211 8.56 -11.78 -2.34
N HIS B 212 9.37 -12.72 -1.85
CA HIS B 212 10.31 -12.38 -0.79
C HIS B 212 11.57 -11.70 -1.32
#